data_3NCK
#
_entry.id   3NCK
#
_cell.length_a   48.671
_cell.length_b   67.822
_cell.length_c   76.643
_cell.angle_alpha   90.000
_cell.angle_beta   90.000
_cell.angle_gamma   90.000
#
_symmetry.space_group_name_H-M   'P 21 21 21'
#
loop_
_entity.id
_entity.type
_entity.pdbx_description
1 polymer Beta-lactamase
2 non-polymer '(2R,4S)-2-[(1R)-1-{[(2-ethoxynaphthalen-1-yl)carbonyl]amino}-2-oxoethyl]-5,5-dimethyl-1,3-thiazolidine-4-carboxylic acid'
3 water water
#
_entity_poly.entity_id   1
_entity_poly.type   'polypeptide(L)'
_entity_poly.pdbx_seq_one_letter_code
;DLADRFAELERRYDARLGVYVPATGTTAAIEYRADERFAFCSTFKAPLVAAVLHQNPLTHLDKLITYTSDDIRSISPVAQ
QHVQTGMTIGQLCDAAIRYSDGTAANLLLADLGGPGGGTAAFTGYLRSLGDTVSRLDAEAPELNRDPPGDERDTTTPHAI
ALVLQQLVLGNALPPDKRALLTDWMARNTTGAKRIRAGFPADWKVIDKTGTGDYGRANDIAVVWSPTGVPYVVAVMSDRA
GGGYDAEPREALLAEAATCVAGVLA
;
_entity_poly.pdbx_strand_id   A
#
loop_
_chem_comp.id
_chem_comp.type
_chem_comp.name
_chem_comp.formula
NFF non-polymer '(2R,4S)-2-[(1R)-1-{[(2-ethoxynaphthalen-1-yl)carbonyl]amino}-2-oxoethyl]-5,5-dimethyl-1,3-thiazolidine-4-carboxylic acid' 'C21 H24 N2 O5 S'
#
# COMPACT_ATOMS: atom_id res chain seq x y z
N ASP A 1 -21.36 10.53 15.88
CA ASP A 1 -20.31 9.49 16.05
C ASP A 1 -19.76 9.07 14.68
N LEU A 2 -18.42 8.96 14.59
CA LEU A 2 -17.73 8.58 13.34
C LEU A 2 -17.88 7.10 12.93
N ALA A 3 -17.99 6.21 13.92
CA ALA A 3 -18.16 4.78 13.65
C ALA A 3 -19.52 4.41 13.06
N ASP A 4 -20.51 5.28 13.23
CA ASP A 4 -21.84 5.07 12.66
C ASP A 4 -21.77 5.22 11.14
N ARG A 5 -21.07 6.27 10.70
CA ARG A 5 -20.83 6.51 9.29
C ARG A 5 -20.17 5.30 8.66
N PHE A 6 -19.09 4.86 9.28
CA PHE A 6 -18.36 3.72 8.78
C PHE A 6 -19.24 2.47 8.69
N ALA A 7 -19.93 2.12 9.78
CA ALA A 7 -20.88 1.01 9.79
C ALA A 7 -21.95 1.13 8.71
N GLU A 8 -22.38 2.36 8.47
CA GLU A 8 -23.29 2.68 7.38
C GLU A 8 -22.71 2.29 6.03
N LEU A 9 -21.44 2.62 5.80
CA LEU A 9 -20.74 2.30 4.55
C LEU A 9 -20.62 0.77 4.34
N GLU A 10 -20.39 0.06 5.44
CA GLU A 10 -20.27 -1.37 5.42
C GLU A 10 -21.59 -2.01 5.06
N ARG A 11 -22.68 -1.50 5.64
CA ARG A 11 -24.01 -1.97 5.28
C ARG A 11 -24.31 -1.70 3.81
N ARG A 12 -23.99 -0.50 3.35
CA ARG A 12 -24.29 -0.07 1.98
C ARG A 12 -23.57 -0.94 0.95
N TYR A 13 -22.28 -1.15 1.17
CA TYR A 13 -21.49 -1.93 0.24
C TYR A 13 -21.44 -3.42 0.59
N ASP A 14 -22.10 -3.81 1.70
CA ASP A 14 -22.06 -5.19 2.20
C ASP A 14 -20.59 -5.55 2.28
N ALA A 15 -19.85 -4.75 3.03
CA ALA A 15 -18.42 -4.88 3.11
C ALA A 15 -17.96 -4.87 4.57
N ARG A 16 -16.73 -5.28 4.77
CA ARG A 16 -16.06 -5.03 6.02
C ARG A 16 -15.01 -3.97 5.71
N LEU A 17 -15.01 -2.91 6.52
CA LEU A 17 -14.13 -1.76 6.33
C LEU A 17 -13.11 -1.60 7.45
N GLY A 18 -11.91 -1.17 7.08
CA GLY A 18 -10.86 -0.93 8.05
C GLY A 18 -10.19 0.41 7.81
N VAL A 19 -10.13 1.23 8.86
CA VAL A 19 -9.63 2.60 8.78
C VAL A 19 -8.69 2.94 9.93
N TYR A 20 -7.57 3.56 9.61
CA TYR A 20 -6.65 4.05 10.65
C TYR A 20 -5.85 5.25 10.20
N VAL A 21 -5.98 6.33 10.96
CA VAL A 21 -5.21 7.53 10.77
C VAL A 21 -4.52 7.79 12.09
N PRO A 22 -3.19 7.60 12.16
CA PRO A 22 -2.51 7.75 13.46
C PRO A 22 -2.55 9.17 14.01
N ALA A 23 -2.58 9.30 15.34
CA ALA A 23 -2.64 10.63 15.98
C ALA A 23 -1.46 11.56 15.63
N THR A 24 -1.73 12.85 15.70
CA THR A 24 -0.74 13.92 15.53
C THR A 24 -0.84 14.89 16.73
N GLY A 25 -0.22 16.07 16.59
CA GLY A 25 -0.27 17.13 17.60
C GLY A 25 -1.68 17.38 18.13
N THR A 26 -2.57 17.80 17.25
CA THR A 26 -3.92 18.19 17.69
C THR A 26 -5.01 17.19 17.31
N THR A 27 -4.64 16.15 16.58
CA THR A 27 -5.61 15.14 16.15
C THR A 27 -5.35 13.79 16.84
N ALA A 28 -6.41 13.19 17.36
CA ALA A 28 -6.37 11.83 17.89
C ALA A 28 -6.36 10.79 16.75
N ALA A 29 -5.97 9.56 17.07
CA ALA A 29 -6.10 8.46 16.11
C ALA A 29 -7.55 8.35 15.62
N ILE A 30 -7.72 8.15 14.32
CA ILE A 30 -9.01 7.75 13.78
C ILE A 30 -8.88 6.25 13.58
N GLU A 31 -9.71 5.47 14.24
CA GLU A 31 -9.62 4.02 14.11
C GLU A 31 -10.98 3.34 14.00
N TYR A 32 -11.08 2.39 13.07
CA TYR A 32 -12.28 1.58 12.87
C TYR A 32 -11.85 0.22 12.31
N ARG A 33 -12.05 -0.84 13.09
CA ARG A 33 -11.48 -2.15 12.79
C ARG A 33 -9.97 -2.05 12.55
N ALA A 34 -9.37 -0.99 13.07
CA ALA A 34 -7.96 -0.71 12.83
C ALA A 34 -7.09 -1.85 13.27
N ASP A 35 -7.59 -2.76 14.09
CA ASP A 35 -6.78 -3.90 14.53
C ASP A 35 -7.19 -5.30 14.01
N GLU A 36 -8.15 -5.37 13.11
CA GLU A 36 -8.50 -6.66 12.51
C GLU A 36 -7.56 -6.87 11.35
N ARG A 37 -7.36 -8.13 10.97
CA ARG A 37 -6.56 -8.44 9.81
C ARG A 37 -7.33 -8.36 8.50
N PHE A 38 -6.66 -7.76 7.52
CA PHE A 38 -7.05 -7.71 6.12
C PHE A 38 -5.84 -8.10 5.30
N ALA A 39 -6.05 -8.76 4.18
CA ALA A 39 -5.00 -9.03 3.25
C ALA A 39 -4.19 -7.82 2.97
N PHE A 40 -2.98 -8.03 2.49
CA PHE A 40 -2.06 -6.95 2.12
C PHE A 40 -2.44 -6.53 0.74
N CYS A 41 -2.43 -7.53 -0.13
CA CYS A 41 -2.71 -7.33 -1.52
C CYS A 41 -1.48 -6.64 -2.14
N SER A 42 -1.68 -5.70 -3.06
CA SER A 42 -0.52 -5.04 -3.62
C SER A 42 0.15 -4.03 -2.71
N THR A 43 -0.52 -3.64 -1.63
CA THR A 43 0.01 -2.59 -0.78
C THR A 43 1.41 -2.87 -0.22
N PHE A 44 1.79 -4.15 -0.08
CA PHE A 44 3.14 -4.53 0.39
C PHE A 44 4.21 -3.95 -0.52
N LYS A 45 3.85 -3.64 -1.75
CA LYS A 45 4.85 -3.21 -2.72
C LYS A 45 5.55 -1.93 -2.34
N ALA A 46 4.82 -1.02 -1.69
CA ALA A 46 5.47 0.18 -1.18
C ALA A 46 6.59 -0.16 -0.17
N PRO A 47 6.26 -0.77 0.98
CA PRO A 47 7.39 -1.05 1.88
C PRO A 47 8.42 -2.01 1.27
N LEU A 48 8.01 -2.76 0.24
CA LEU A 48 8.94 -3.62 -0.49
C LEU A 48 9.99 -2.81 -1.25
N VAL A 49 9.56 -1.68 -1.81
CA VAL A 49 10.46 -0.77 -2.51
C VAL A 49 11.36 -0.05 -1.52
N ALA A 50 10.84 0.25 -0.33
CA ALA A 50 11.69 0.79 0.73
C ALA A 50 12.73 -0.27 1.14
N ALA A 51 12.29 -1.51 1.26
CA ALA A 51 13.21 -2.58 1.68
C ALA A 51 14.43 -2.58 0.80
N VAL A 52 14.15 -2.62 -0.50
CA VAL A 52 15.21 -2.67 -1.51
C VAL A 52 16.06 -1.39 -1.49
N LEU A 53 15.39 -0.25 -1.51
CA LEU A 53 16.07 1.02 -1.38
C LEU A 53 17.04 0.99 -0.18
N HIS A 54 16.55 0.61 1.00
CA HIS A 54 17.36 0.60 2.22
C HIS A 54 18.59 -0.29 2.10
N GLN A 55 18.39 -1.40 1.39
CA GLN A 55 19.31 -2.52 1.42
C GLN A 55 20.55 -2.25 0.59
N ASN A 56 20.48 -1.26 -0.29
CA ASN A 56 21.48 -1.11 -1.33
C ASN A 56 21.89 0.35 -1.55
N PRO A 57 23.08 0.57 -2.13
CA PRO A 57 23.40 1.94 -2.55
C PRO A 57 22.48 2.36 -3.70
N LEU A 58 22.30 3.67 -3.86
CA LEU A 58 21.38 4.19 -4.85
C LEU A 58 21.72 3.82 -6.27
N THR A 59 22.98 3.47 -6.49
CA THR A 59 23.49 3.21 -7.84
C THR A 59 23.11 1.78 -8.26
N HIS A 60 22.67 1.01 -7.26
CA HIS A 60 22.08 -0.31 -7.47
C HIS A 60 20.77 -0.25 -8.26
N LEU A 61 20.17 0.94 -8.36
CA LEU A 61 18.95 1.13 -9.10
C LEU A 61 19.25 1.00 -10.56
N ASP A 62 20.53 0.90 -10.87
CA ASP A 62 20.97 0.86 -12.25
C ASP A 62 21.33 -0.53 -12.71
N LYS A 63 21.30 -1.49 -11.78
CA LYS A 63 21.57 -2.89 -12.11
C LYS A 63 20.43 -3.44 -12.98
N LEU A 64 20.80 -4.03 -14.11
CA LEU A 64 19.83 -4.62 -15.04
C LEU A 64 19.44 -6.05 -14.65
N ILE A 65 18.14 -6.30 -14.64
CA ILE A 65 17.58 -7.56 -14.22
C ILE A 65 16.90 -8.17 -15.43
N THR A 66 17.26 -9.42 -15.73
CA THR A 66 16.61 -10.19 -16.78
C THR A 66 15.65 -11.24 -16.22
N TYR A 67 14.58 -11.42 -16.99
CA TYR A 67 13.48 -12.29 -16.66
C TYR A 67 12.80 -12.77 -17.96
N THR A 68 12.23 -13.97 -17.91
CA THR A 68 11.65 -14.62 -19.09
C THR A 68 10.13 -14.78 -19.04
N SER A 69 9.63 -15.60 -19.96
CA SER A 69 8.21 -15.87 -20.09
C SER A 69 7.54 -16.43 -18.84
N ASP A 70 8.17 -17.38 -18.16
CA ASP A 70 7.56 -17.99 -17.00
C ASP A 70 7.51 -17.06 -15.77
N ASP A 71 8.35 -16.02 -15.79
CA ASP A 71 8.37 -15.00 -14.73
C ASP A 71 7.11 -14.09 -14.68
N ILE A 72 6.23 -14.20 -15.67
CA ILE A 72 5.08 -13.29 -15.77
C ILE A 72 3.71 -13.96 -15.46
N ARG A 73 3.36 -13.95 -14.18
CA ARG A 73 2.26 -14.79 -13.65
C ARG A 73 1.06 -14.00 -13.17
N SER A 74 1.24 -12.68 -13.01
CA SER A 74 0.15 -11.78 -12.61
C SER A 74 0.09 -10.51 -13.49
N ILE A 75 -0.94 -9.68 -13.27
CA ILE A 75 -1.08 -8.40 -13.96
C ILE A 75 0.24 -7.62 -13.91
N SER A 76 0.86 -7.42 -15.07
CA SER A 76 2.20 -6.79 -15.15
C SER A 76 2.34 -5.85 -16.35
N PRO A 77 1.67 -4.68 -16.31
CA PRO A 77 1.53 -3.84 -17.50
C PRO A 77 2.87 -3.32 -18.03
N VAL A 78 3.85 -3.17 -17.15
CA VAL A 78 5.17 -2.68 -17.53
C VAL A 78 6.12 -3.83 -17.84
N ALA A 79 6.05 -4.91 -17.10
CA ALA A 79 6.96 -5.99 -17.33
C ALA A 79 6.72 -6.67 -18.63
N GLN A 80 5.55 -6.45 -19.21
CA GLN A 80 5.23 -7.06 -20.49
C GLN A 80 6.08 -6.40 -21.57
N GLN A 81 6.05 -5.08 -21.60
CA GLN A 81 6.77 -4.34 -22.63
C GLN A 81 8.23 -4.06 -22.36
N HIS A 82 8.91 -5.00 -21.73
CA HIS A 82 10.31 -4.83 -21.39
C HIS A 82 10.97 -6.19 -21.48
N VAL A 83 10.20 -7.24 -21.23
CA VAL A 83 10.75 -8.60 -21.11
C VAL A 83 11.96 -8.90 -22.02
N GLN A 84 11.98 -8.24 -23.18
CA GLN A 84 13.04 -8.37 -24.18
C GLN A 84 14.35 -7.73 -23.71
N THR A 85 14.34 -6.40 -23.63
CA THR A 85 15.42 -5.58 -23.05
C THR A 85 15.88 -6.00 -21.63
N GLY A 86 14.94 -6.38 -20.76
CA GLY A 86 15.19 -6.49 -19.31
C GLY A 86 14.71 -5.23 -18.60
N MET A 87 14.87 -5.17 -17.28
CA MET A 87 14.49 -3.97 -16.51
C MET A 87 15.43 -3.72 -15.35
N THR A 88 15.69 -2.44 -15.08
CA THR A 88 16.55 -2.02 -13.95
C THR A 88 15.81 -2.16 -12.63
N ILE A 89 16.53 -2.30 -11.53
CA ILE A 89 15.89 -2.28 -10.21
C ILE A 89 14.95 -1.03 -10.07
N GLY A 90 15.44 0.14 -10.53
CA GLY A 90 14.74 1.41 -10.44
C GLY A 90 13.49 1.39 -11.28
N GLN A 91 13.60 0.81 -12.46
CA GLN A 91 12.44 0.63 -13.31
C GLN A 91 11.42 -0.31 -12.68
N LEU A 92 11.90 -1.44 -12.16
CA LEU A 92 11.03 -2.36 -11.43
C LEU A 92 10.38 -1.66 -10.23
N CYS A 93 11.15 -0.86 -9.51
CA CYS A 93 10.60 -0.10 -8.39
C CYS A 93 9.50 0.81 -8.88
N ASP A 94 9.82 1.58 -9.91
CA ASP A 94 8.87 2.48 -10.53
C ASP A 94 7.59 1.71 -10.86
N ALA A 95 7.74 0.56 -11.53
CA ALA A 95 6.61 -0.25 -11.94
C ALA A 95 5.84 -0.83 -10.78
N ALA A 96 6.54 -1.21 -9.71
CA ALA A 96 5.92 -1.85 -8.57
C ALA A 96 4.93 -0.88 -7.90
N ILE A 97 5.39 0.33 -7.59
CA ILE A 97 4.55 1.38 -6.99
C ILE A 97 3.46 1.91 -7.94
N ARG A 98 3.90 2.49 -9.07
CA ARG A 98 3.04 3.34 -9.92
C ARG A 98 1.99 2.58 -10.73
N TYR A 99 2.29 1.32 -11.03
CA TYR A 99 1.41 0.48 -11.83
C TYR A 99 1.06 -0.82 -11.15
N SER A 100 1.55 -1.00 -9.92
CA SER A 100 1.29 -2.23 -9.17
C SER A 100 1.66 -3.46 -10.03
N ASP A 101 2.81 -3.38 -10.70
CA ASP A 101 3.27 -4.45 -11.58
C ASP A 101 3.70 -5.65 -10.75
N GLY A 102 2.96 -6.76 -10.87
CA GLY A 102 3.15 -7.99 -10.09
C GLY A 102 4.46 -8.74 -10.32
N THR A 103 4.94 -8.69 -11.54
CA THR A 103 6.19 -9.32 -11.89
C THR A 103 7.33 -8.51 -11.34
N ALA A 104 7.19 -7.19 -11.44
CA ALA A 104 8.15 -6.25 -10.88
C ALA A 104 8.30 -6.54 -9.39
N ALA A 105 7.17 -6.76 -8.71
CA ALA A 105 7.20 -7.05 -7.30
C ALA A 105 7.94 -8.38 -7.06
N ASN A 106 7.64 -9.41 -7.85
CA ASN A 106 8.25 -10.71 -7.60
C ASN A 106 9.78 -10.67 -7.85
N LEU A 107 10.21 -9.89 -8.84
CA LEU A 107 11.65 -9.69 -9.08
C LEU A 107 12.32 -8.84 -8.00
N LEU A 108 11.64 -7.81 -7.47
CA LEU A 108 12.22 -7.04 -6.37
C LEU A 108 12.35 -7.85 -5.07
N LEU A 109 11.35 -8.68 -4.78
CA LEU A 109 11.46 -9.68 -3.70
C LEU A 109 12.70 -10.58 -3.89
N ALA A 110 12.81 -11.15 -5.09
CA ALA A 110 13.95 -11.99 -5.43
C ALA A 110 15.28 -11.24 -5.29
N ASP A 111 15.23 -9.91 -5.33
CA ASP A 111 16.43 -9.12 -5.22
C ASP A 111 16.82 -9.01 -3.79
N LEU A 112 15.83 -8.91 -2.92
CA LEU A 112 16.05 -8.95 -1.48
C LEU A 112 16.67 -10.28 -1.05
N GLY A 113 16.31 -11.36 -1.78
CA GLY A 113 16.88 -12.69 -1.60
C GLY A 113 16.47 -13.34 -0.29
N GLY A 114 17.05 -14.52 -0.03
CA GLY A 114 16.68 -15.34 1.13
C GLY A 114 15.50 -16.32 0.90
N PRO A 115 15.12 -17.06 1.96
CA PRO A 115 14.02 -18.04 1.87
C PRO A 115 12.68 -17.43 1.47
N GLY A 116 11.86 -18.22 0.81
CA GLY A 116 10.52 -17.83 0.37
C GLY A 116 10.56 -16.74 -0.67
N GLY A 117 11.50 -16.86 -1.62
CA GLY A 117 11.70 -15.86 -2.67
C GLY A 117 11.88 -14.43 -2.18
N GLY A 118 12.26 -14.28 -0.91
CA GLY A 118 12.52 -12.96 -0.32
C GLY A 118 11.49 -12.47 0.69
N THR A 119 10.42 -13.25 0.89
CA THR A 119 9.35 -12.81 1.77
C THR A 119 9.78 -12.84 3.22
N ALA A 120 10.82 -13.58 3.54
CA ALA A 120 11.35 -13.59 4.89
C ALA A 120 12.15 -12.31 5.11
N ALA A 121 13.03 -11.99 4.16
CA ALA A 121 13.81 -10.75 4.22
C ALA A 121 12.88 -9.55 4.27
N PHE A 122 11.74 -9.70 3.59
CA PHE A 122 10.75 -8.65 3.56
C PHE A 122 10.11 -8.45 4.92
N THR A 123 9.62 -9.54 5.50
CA THR A 123 9.00 -9.51 6.83
C THR A 123 10.04 -8.99 7.82
N GLY A 124 11.27 -9.46 7.64
CA GLY A 124 12.39 -8.97 8.42
C GLY A 124 12.48 -7.45 8.35
N TYR A 125 12.33 -6.90 7.16
CA TYR A 125 12.31 -5.46 7.01
C TYR A 125 11.23 -4.78 7.83
N LEU A 126 10.02 -5.37 7.86
CA LEU A 126 8.92 -4.86 8.67
C LEU A 126 9.14 -5.01 10.18
N ARG A 127 9.74 -6.13 10.59
CA ARG A 127 10.09 -6.28 12.01
C ARG A 127 11.06 -5.16 12.43
N SER A 128 12.00 -4.81 11.56
CA SER A 128 13.04 -3.82 11.90
C SER A 128 12.46 -2.41 12.20
N LEU A 129 11.30 -2.11 11.59
CA LEU A 129 10.58 -0.85 11.81
C LEU A 129 9.51 -0.97 12.91
N GLY A 130 9.49 -2.11 13.60
CA GLY A 130 8.64 -2.26 14.78
C GLY A 130 7.29 -2.87 14.48
N ASP A 131 7.15 -3.41 13.28
CA ASP A 131 5.93 -4.07 12.86
C ASP A 131 6.01 -5.54 13.21
N THR A 132 5.35 -5.93 14.30
CA THR A 132 5.26 -7.32 14.67
C THR A 132 3.97 -7.96 14.21
N VAL A 133 3.13 -7.16 13.52
CA VAL A 133 1.77 -7.52 13.17
C VAL A 133 1.65 -8.11 11.76
N SER A 134 2.29 -7.47 10.78
CA SER A 134 2.14 -7.90 9.40
C SER A 134 2.85 -9.21 9.18
N ARG A 135 2.45 -9.91 8.13
CA ARG A 135 3.18 -11.12 7.72
C ARG A 135 2.96 -11.50 6.26
N LEU A 136 4.04 -11.40 5.45
CA LEU A 136 4.04 -11.91 4.07
C LEU A 136 4.50 -13.37 4.00
N ASP A 137 3.85 -14.17 3.15
CA ASP A 137 4.16 -15.59 2.96
C ASP A 137 3.94 -16.01 1.51
N PRO A 147 -8.45 -16.25 1.08
CA PRO A 147 -9.18 -16.81 2.22
C PRO A 147 -9.41 -15.77 3.31
N PRO A 148 -10.54 -15.07 3.23
CA PRO A 148 -10.87 -14.03 4.22
C PRO A 148 -10.56 -14.49 5.64
N GLY A 149 -9.83 -13.67 6.40
CA GLY A 149 -9.49 -14.00 7.77
C GLY A 149 -8.14 -14.69 7.87
N ASP A 150 -7.86 -15.56 6.92
CA ASP A 150 -6.60 -16.30 6.91
C ASP A 150 -5.45 -15.43 7.38
N GLU A 151 -4.58 -16.01 8.21
CA GLU A 151 -3.42 -15.28 8.74
C GLU A 151 -2.41 -14.81 7.68
N ARG A 152 -2.30 -15.52 6.56
CA ARG A 152 -1.19 -15.30 5.64
C ARG A 152 -1.37 -14.11 4.71
N ASP A 153 -0.31 -13.30 4.64
CA ASP A 153 -0.28 -12.09 3.83
C ASP A 153 -1.31 -11.06 4.29
N THR A 154 -1.42 -10.90 5.61
CA THR A 154 -2.28 -9.88 6.16
C THR A 154 -1.50 -8.90 7.00
N THR A 155 -2.17 -7.79 7.31
CA THR A 155 -1.67 -6.72 8.11
C THR A 155 -2.94 -6.15 8.68
N THR A 156 -2.82 -5.08 9.46
CA THR A 156 -3.96 -4.39 10.01
C THR A 156 -3.84 -2.95 9.56
N PRO A 157 -4.99 -2.28 9.31
CA PRO A 157 -4.97 -0.84 9.02
C PRO A 157 -4.00 -0.11 9.92
N HIS A 158 -3.96 -0.48 11.21
CA HIS A 158 -3.09 0.13 12.21
C HIS A 158 -1.61 -0.14 11.96
N ALA A 159 -1.22 -1.39 11.72
CA ALA A 159 0.19 -1.74 11.50
C ALA A 159 0.78 -1.11 10.23
N ILE A 160 0.05 -1.21 9.12
CA ILE A 160 0.49 -0.63 7.85
C ILE A 160 0.64 0.90 7.89
N ALA A 161 -0.36 1.59 8.45
CA ALA A 161 -0.28 3.05 8.60
C ALA A 161 0.95 3.48 9.38
N LEU A 162 1.27 2.79 10.47
CA LEU A 162 2.48 3.13 11.20
C LEU A 162 3.75 2.86 10.40
N VAL A 163 3.69 1.89 9.49
CA VAL A 163 4.85 1.55 8.66
C VAL A 163 5.06 2.67 7.65
N LEU A 164 4.00 3.07 6.99
CA LEU A 164 4.06 4.13 6.00
C LEU A 164 4.48 5.47 6.59
N GLN A 165 4.01 5.76 7.80
CA GLN A 165 4.39 6.96 8.53
C GLN A 165 5.89 6.97 8.61
N GLN A 166 6.47 5.87 9.10
CA GLN A 166 7.91 5.77 9.26
C GLN A 166 8.71 5.86 7.96
N LEU A 167 8.15 5.38 6.85
CA LEU A 167 8.84 5.45 5.56
C LEU A 167 8.80 6.84 4.88
N VAL A 168 7.67 7.52 4.97
CA VAL A 168 7.48 8.80 4.31
C VAL A 168 7.78 10.00 5.20
N LEU A 169 7.45 9.90 6.49
CA LEU A 169 7.59 11.03 7.41
C LEU A 169 8.61 10.76 8.53
N GLY A 170 9.50 9.81 8.31
CA GLY A 170 10.39 9.40 9.37
C GLY A 170 11.77 9.06 8.89
N ASN A 171 12.57 8.52 9.80
CA ASN A 171 14.00 8.32 9.58
C ASN A 171 14.41 6.89 9.22
N ALA A 172 13.43 6.12 8.73
CA ALA A 172 13.63 4.75 8.24
C ALA A 172 14.51 4.72 7.00
N LEU A 173 14.34 5.71 6.13
CA LEU A 173 15.19 5.85 4.95
C LEU A 173 15.83 7.23 4.92
N PRO A 174 17.14 7.30 4.56
CA PRO A 174 17.87 8.55 4.40
C PRO A 174 17.17 9.45 3.38
N PRO A 175 17.23 10.79 3.58
CA PRO A 175 16.46 11.75 2.74
C PRO A 175 16.38 11.40 1.24
N ASP A 176 17.52 11.11 0.63
CA ASP A 176 17.60 10.83 -0.81
C ASP A 176 16.72 9.65 -1.26
N LYS A 177 16.76 8.55 -0.49
CA LYS A 177 15.99 7.33 -0.74
C LYS A 177 14.54 7.46 -0.32
N ARG A 178 14.31 8.15 0.80
CA ARG A 178 12.95 8.56 1.26
C ARG A 178 12.24 9.36 0.17
N ALA A 179 12.98 10.27 -0.45
CA ALA A 179 12.49 11.05 -1.56
C ALA A 179 12.04 10.17 -2.74
N LEU A 180 12.84 9.18 -3.09
CA LEU A 180 12.53 8.33 -4.27
C LEU A 180 11.25 7.53 -4.12
N LEU A 181 11.10 6.94 -2.94
CA LEU A 181 9.86 6.30 -2.52
C LEU A 181 8.69 7.26 -2.61
N THR A 182 8.83 8.40 -1.93
CA THR A 182 7.79 9.41 -1.91
C THR A 182 7.36 9.79 -3.32
N ASP A 183 8.32 10.09 -4.21
CA ASP A 183 8.00 10.50 -5.58
C ASP A 183 7.21 9.45 -6.32
N TRP A 184 7.63 8.18 -6.26
CA TRP A 184 6.93 7.12 -6.97
C TRP A 184 5.47 7.01 -6.55
N MET A 185 5.22 7.12 -5.25
CA MET A 185 3.86 7.10 -4.76
C MET A 185 3.05 8.33 -5.19
N ALA A 186 3.68 9.50 -5.24
CA ALA A 186 3.05 10.73 -5.73
C ALA A 186 2.55 10.59 -7.17
N ARG A 187 3.26 9.81 -7.98
CA ARG A 187 2.90 9.67 -9.37
C ARG A 187 2.25 8.31 -9.61
N ASN A 188 1.62 7.76 -8.58
CA ASN A 188 0.85 6.52 -8.72
C ASN A 188 -0.22 6.68 -9.81
N THR A 189 -0.38 5.67 -10.66
CA THR A 189 -1.44 5.73 -11.70
C THR A 189 -2.76 5.05 -11.30
N THR A 190 -2.80 4.39 -10.14
CA THR A 190 -3.90 3.43 -9.84
C THR A 190 -4.90 3.84 -8.76
N GLY A 191 -4.69 4.99 -8.14
CA GLY A 191 -5.38 5.33 -6.90
C GLY A 191 -6.31 6.48 -7.10
N ALA A 192 -6.63 6.75 -8.36
CA ALA A 192 -7.42 7.92 -8.74
C ALA A 192 -8.78 7.96 -8.03
N LYS A 193 -9.35 6.77 -7.79
CA LYS A 193 -10.74 6.67 -7.35
C LYS A 193 -10.94 6.22 -5.92
N ARG A 194 -9.92 6.38 -5.09
CA ARG A 194 -9.95 5.90 -3.71
C ARG A 194 -9.65 7.07 -2.83
N ILE A 195 -8.73 6.93 -1.88
CA ILE A 195 -8.37 8.07 -1.01
C ILE A 195 -8.27 9.42 -1.76
N ARG A 196 -7.65 9.44 -2.94
CA ARG A 196 -7.54 10.66 -3.74
C ARG A 196 -8.90 11.32 -3.89
N ALA A 197 -9.92 10.52 -4.18
CA ALA A 197 -11.23 11.07 -4.54
C ALA A 197 -12.02 11.64 -3.35
N GLY A 198 -11.56 11.37 -2.14
CA GLY A 198 -12.29 11.81 -0.95
C GLY A 198 -11.65 12.97 -0.24
N PHE A 199 -10.61 13.53 -0.83
CA PHE A 199 -9.90 14.68 -0.25
C PHE A 199 -9.95 15.85 -1.24
N PRO A 200 -10.07 17.10 -0.74
CA PRO A 200 -10.12 18.23 -1.69
C PRO A 200 -8.85 18.31 -2.55
N ALA A 201 -8.99 18.90 -3.74
CA ALA A 201 -7.91 19.00 -4.72
C ALA A 201 -6.65 19.71 -4.21
N ASP A 202 -6.77 20.59 -3.23
CA ASP A 202 -5.59 21.28 -2.70
C ASP A 202 -4.86 20.54 -1.55
N TRP A 203 -5.37 19.36 -1.20
CA TRP A 203 -4.62 18.47 -0.35
C TRP A 203 -3.92 17.55 -1.45
N LYS A 204 -2.66 17.28 -1.10
CA LYS A 204 -1.68 16.61 -1.90
C LYS A 204 -1.57 15.21 -1.34
N VAL A 205 -1.94 14.24 -2.17
CA VAL A 205 -2.08 12.86 -1.73
C VAL A 205 -1.24 11.86 -2.51
N ILE A 206 -0.36 11.17 -1.79
CA ILE A 206 0.43 10.05 -2.32
C ILE A 206 -0.06 8.73 -1.75
N ASP A 207 -0.07 7.68 -2.59
CA ASP A 207 -0.67 6.41 -2.20
C ASP A 207 -0.17 5.16 -2.95
N LYS A 208 -0.39 4.00 -2.34
CA LYS A 208 -0.27 2.71 -3.01
C LYS A 208 -1.55 1.91 -2.74
N THR A 209 -2.09 1.31 -3.78
CA THR A 209 -3.35 0.57 -3.73
C THR A 209 -3.12 -0.93 -3.74
N GLY A 210 -4.16 -1.68 -3.40
CA GLY A 210 -4.17 -3.12 -3.52
C GLY A 210 -5.60 -3.52 -3.81
N THR A 211 -5.77 -4.67 -4.47
CA THR A 211 -7.05 -5.18 -4.95
C THR A 211 -6.91 -6.69 -5.17
N GLY A 212 -7.97 -7.43 -4.85
CA GLY A 212 -7.88 -8.90 -4.76
C GLY A 212 -9.24 -9.58 -4.80
N ASP A 213 -9.29 -10.88 -4.49
CA ASP A 213 -10.55 -11.58 -4.60
C ASP A 213 -11.34 -11.30 -3.34
N TYR A 214 -12.51 -11.91 -3.19
CA TYR A 214 -13.45 -11.62 -2.09
C TYR A 214 -13.68 -10.11 -1.95
N GLY A 215 -13.79 -9.41 -3.08
CA GLY A 215 -13.98 -7.96 -3.08
C GLY A 215 -13.01 -7.13 -2.25
N ARG A 216 -11.74 -7.53 -2.20
CA ARG A 216 -10.76 -6.79 -1.44
C ARG A 216 -10.31 -5.58 -2.21
N ALA A 217 -10.31 -4.43 -1.53
CA ALA A 217 -9.73 -3.19 -2.02
C ALA A 217 -9.13 -2.44 -0.85
N ASN A 218 -7.87 -2.03 -1.04
CA ASN A 218 -7.09 -1.23 -0.09
C ASN A 218 -6.51 0.05 -0.71
N ASP A 219 -6.23 1.01 0.17
CA ASP A 219 -5.47 2.15 -0.22
C ASP A 219 -4.75 2.63 1.01
N ILE A 220 -3.44 2.76 0.91
CA ILE A 220 -2.68 3.41 1.95
C ILE A 220 -2.02 4.68 1.44
N ALA A 221 -2.14 5.76 2.20
CA ALA A 221 -1.67 7.04 1.71
C ALA A 221 -1.05 7.92 2.77
N VAL A 222 -0.33 8.93 2.30
CA VAL A 222 0.08 10.03 3.13
C VAL A 222 -0.54 11.23 2.48
N VAL A 223 -1.10 12.10 3.31
CA VAL A 223 -1.75 13.28 2.79
C VAL A 223 -1.13 14.48 3.45
N TRP A 224 -1.15 15.62 2.74
CA TRP A 224 -0.73 16.89 3.31
C TRP A 224 -1.81 17.92 3.10
N SER A 225 -2.23 18.52 4.23
CA SER A 225 -3.10 19.69 4.23
C SER A 225 -2.52 20.81 3.37
N PRO A 226 -3.37 21.75 2.93
CA PRO A 226 -2.91 22.85 2.07
C PRO A 226 -1.75 23.65 2.69
N THR A 227 -1.68 23.68 4.02
CA THR A 227 -0.59 24.36 4.75
C THR A 227 0.54 23.39 5.18
N GLY A 228 0.65 22.27 4.46
CA GLY A 228 1.66 21.25 4.71
C GLY A 228 1.65 20.41 6.00
N VAL A 229 0.49 20.18 6.62
CA VAL A 229 0.45 19.25 7.78
C VAL A 229 0.12 17.86 7.24
N PRO A 230 0.96 16.84 7.56
CA PRO A 230 0.80 15.48 7.05
C PRO A 230 -0.02 14.53 7.94
N TYR A 231 -0.66 13.56 7.28
CA TYR A 231 -1.36 12.44 7.96
C TYR A 231 -1.22 11.17 7.14
N VAL A 232 -1.09 10.03 7.81
CA VAL A 232 -1.13 8.75 7.13
C VAL A 232 -2.58 8.22 7.15
N VAL A 233 -3.08 7.77 5.99
CA VAL A 233 -4.43 7.22 5.92
C VAL A 233 -4.47 5.79 5.37
N ALA A 234 -4.82 4.84 6.22
CA ALA A 234 -4.91 3.46 5.78
C ALA A 234 -6.37 3.02 5.70
N VAL A 235 -6.82 2.64 4.50
CA VAL A 235 -8.17 2.12 4.29
C VAL A 235 -8.09 0.72 3.65
N MET A 236 -8.72 -0.25 4.29
CA MET A 236 -8.69 -1.63 3.86
C MET A 236 -10.11 -2.18 3.92
N SER A 237 -10.49 -2.97 2.94
CA SER A 237 -11.81 -3.54 2.96
C SER A 237 -11.85 -4.87 2.25
N ASP A 238 -12.90 -5.64 2.51
CA ASP A 238 -13.23 -6.82 1.74
C ASP A 238 -14.73 -7.08 1.87
N ARG A 239 -15.22 -8.01 1.05
CA ARG A 239 -16.65 -8.30 0.93
C ARG A 239 -16.90 -9.78 0.82
N ALA A 240 -16.47 -10.54 1.81
CA ALA A 240 -16.61 -12.00 1.82
C ALA A 240 -18.04 -12.40 1.56
N GLY A 241 -18.96 -11.54 1.99
CA GLY A 241 -20.37 -11.76 1.74
C GLY A 241 -20.70 -12.13 0.30
N GLY A 242 -19.90 -11.65 -0.65
CA GLY A 242 -20.10 -11.96 -2.07
C GLY A 242 -19.25 -13.10 -2.63
N GLY A 243 -18.57 -13.85 -1.78
CA GLY A 243 -17.75 -14.96 -2.22
C GLY A 243 -16.51 -14.60 -3.04
N TYR A 244 -15.81 -15.61 -3.55
CA TYR A 244 -14.50 -15.41 -4.17
C TYR A 244 -14.55 -14.28 -5.16
N ASP A 245 -15.58 -14.27 -5.99
CA ASP A 245 -15.62 -13.38 -7.13
C ASP A 245 -16.41 -12.11 -6.88
N ALA A 246 -16.59 -11.77 -5.61
CA ALA A 246 -17.19 -10.48 -5.25
C ALA A 246 -16.34 -9.33 -5.80
N GLU A 247 -17.00 -8.26 -6.23
CA GLU A 247 -16.34 -7.12 -6.84
C GLU A 247 -15.78 -6.17 -5.80
N PRO A 248 -14.61 -5.59 -6.07
CA PRO A 248 -14.08 -4.56 -5.21
C PRO A 248 -14.94 -3.34 -5.42
N ARG A 249 -15.20 -2.61 -4.33
N ARG A 249 -15.24 -2.59 -4.35
CA ARG A 249 -15.94 -1.34 -4.37
CA ARG A 249 -15.98 -1.35 -4.52
C ARG A 249 -15.03 -0.18 -4.02
C ARG A 249 -15.16 -0.13 -4.08
N GLU A 250 -14.41 0.44 -5.03
CA GLU A 250 -13.62 1.65 -4.83
C GLU A 250 -14.36 2.82 -4.14
N ALA A 251 -15.64 3.00 -4.49
CA ALA A 251 -16.53 3.98 -3.86
C ALA A 251 -16.41 3.95 -2.37
N LEU A 252 -16.60 2.77 -1.75
CA LEU A 252 -16.41 2.60 -0.31
C LEU A 252 -15.12 3.24 0.18
N LEU A 253 -14.07 3.17 -0.61
CA LEU A 253 -12.79 3.70 -0.17
C LEU A 253 -12.81 5.21 -0.27
N ALA A 254 -13.25 5.71 -1.41
CA ALA A 254 -13.50 7.16 -1.59
C ALA A 254 -14.38 7.72 -0.48
N GLU A 255 -15.49 7.06 -0.18
CA GLU A 255 -16.43 7.56 0.81
C GLU A 255 -15.79 7.64 2.17
N ALA A 256 -15.15 6.55 2.61
CA ALA A 256 -14.44 6.55 3.88
C ALA A 256 -13.45 7.73 3.97
N ALA A 257 -12.58 7.86 2.96
CA ALA A 257 -11.69 9.00 2.83
C ALA A 257 -12.40 10.36 3.02
N THR A 258 -13.53 10.55 2.34
CA THR A 258 -14.36 11.75 2.51
C THR A 258 -14.71 11.94 3.98
N CYS A 259 -15.09 10.86 4.64
CA CYS A 259 -15.46 10.95 6.04
C CYS A 259 -14.23 11.30 6.90
N VAL A 260 -13.06 10.87 6.44
CA VAL A 260 -11.77 11.15 7.11
C VAL A 260 -11.26 12.55 6.75
N ALA A 261 -11.44 12.94 5.49
CA ALA A 261 -11.16 14.30 5.02
C ALA A 261 -11.90 15.30 5.89
N GLY A 262 -13.18 15.00 6.14
CA GLY A 262 -14.04 15.81 6.99
C GLY A 262 -13.42 16.14 8.34
N VAL A 263 -13.07 15.11 9.10
CA VAL A 263 -12.49 15.29 10.43
C VAL A 263 -11.20 16.14 10.46
N LEU A 264 -10.39 16.02 9.41
CA LEU A 264 -9.07 16.62 9.38
C LEU A 264 -9.07 18.02 8.80
N ALA A 265 -10.19 18.44 8.21
CA ALA A 265 -10.24 19.74 7.53
C ALA A 265 -10.51 20.90 8.49
C NFF B . -2.03 -6.33 -6.38
N NFF B . -3.87 -7.42 -7.81
O NFF B . -3.31 -6.17 -5.63
CA NFF B . -2.58 -6.62 -7.88
CB NFF B . -2.59 -5.34 -8.66
CAA NFF B . -2.69 -12.88 -7.46
CAB NFF B . -6.01 -3.46 -9.82
CAC NFF B . -3.75 -2.44 -10.23
OAE NFF B . -3.22 -1.75 -6.89
OAF NFF B . -3.16 -8.98 -9.29
OAG NFF B . -5.43 -1.88 -6.97
CAI NFF B . -9.00 -7.79 -9.68
CAJ NFF B . -7.83 -7.08 -9.94
CAK NFF B . -6.44 -11.14 -7.29
CAL NFF B . -8.94 -8.99 -8.95
CAM NFF B . -6.60 -7.56 -9.47
CAN NFF B . -7.67 -10.66 -7.76
CAO NFF B . -3.85 -12.24 -6.67
NAQ NFF B . -2.82 -4.17 -7.78
OAR NFF B . -4.02 -10.87 -7.09
SAS NFF B . -3.85 -5.20 -9.98
CAT NFF B . -4.28 -2.30 -7.22
CAU NFF B . -4.01 -8.52 -8.52
CAV NFF B . -5.26 -10.44 -7.54
CAW NFF B . -5.33 -9.24 -8.27
CAX NFF B . -7.72 -9.47 -8.48
CAY NFF B . -6.55 -8.75 -8.74
CBB NFF B . -4.20 -3.64 -7.96
CBC NFF B . -4.51 -3.56 -9.50
#